data_7SF6
#
_entry.id   7SF6
#
_cell.length_a   78.884
_cell.length_b   78.884
_cell.length_c   122.402
_cell.angle_alpha   90.000
_cell.angle_beta   90.000
_cell.angle_gamma   120.000
#
_symmetry.space_group_name_H-M   'P 32 2 1'
#
loop_
_entity.id
_entity.type
_entity.pdbx_description
1 polymer 'Ferric-anguibactin-binding protein FatB'
2 non-polymer '2-(2,3-DIHYDROXY-BENZOYLAMINO)-3-HYDROXY-PROPIONIC ACID'
3 non-polymer GLYCEROL
4 non-polymer 1,2-ETHANEDIOL
5 non-polymer 'FE (III) ION'
6 non-polymer 'CHLORIDE ION'
7 water water
#
_entity_poly.entity_id   1
_entity_poly.type   'polypeptide(L)'
_entity_poly.pdbx_seq_one_letter_code
;SNASNQTVNPQGNDQVSEASTVEITDVHGTVTVPVNPKNVVALDNRTFETLSDWGIELAAVPKPVMPADSPYVKDESVQD
IGSHGEPNLEIIAAVDPELVIVGQRFARFYDDIKKLVPNAAVIDLNFDVSTEADAPGENLVNGLKDSTIALGQIFDKNKE
AEQLVADFDQAIAEAKSAYNGTDTVMSVVVSGGNIGFSAPHSGRVWGPMYEIFGWTPALKIDGASSDHQGDDVSVEAIAQ
SNPDWIFVLDRDAAVSSMTDAVPAQDVIDKSPALQKTTAVSKGQIVYAPKDTYTNESIQTYLELFEELAKALTK
;
_entity_poly.pdbx_strand_id   A
#
# COMPACT_ATOMS: atom_id res chain seq x y z
N SER A 20 -22.26 -11.97 -19.14
CA SER A 20 -21.01 -12.67 -19.39
C SER A 20 -20.18 -12.82 -18.09
N THR A 21 -19.15 -13.64 -18.18
CA THR A 21 -18.29 -13.91 -17.05
C THR A 21 -16.84 -13.89 -17.54
N VAL A 22 -15.94 -13.82 -16.59
N VAL A 22 -15.92 -13.77 -16.59
CA VAL A 22 -14.53 -13.89 -16.89
CA VAL A 22 -14.49 -13.87 -16.87
C VAL A 22 -13.92 -14.86 -15.90
C VAL A 22 -13.89 -14.87 -15.90
N GLU A 23 -12.84 -15.57 -16.33
CA GLU A 23 -12.12 -16.51 -15.47
C GLU A 23 -10.95 -15.72 -14.87
N ILE A 24 -11.02 -15.47 -13.56
CA ILE A 24 -10.02 -14.66 -12.86
C ILE A 24 -9.10 -15.61 -12.08
N THR A 25 -7.82 -15.56 -12.39
CA THR A 25 -6.84 -16.38 -11.69
C THR A 25 -6.19 -15.51 -10.62
N ASP A 26 -6.22 -16.00 -9.40
CA ASP A 26 -5.52 -15.38 -8.27
C ASP A 26 -4.54 -16.40 -7.70
N VAL A 27 -3.97 -16.09 -6.54
CA VAL A 27 -2.96 -16.98 -5.97
C VAL A 27 -3.51 -18.37 -5.65
N HIS A 28 -4.81 -18.49 -5.42
CA HIS A 28 -5.40 -19.74 -4.97
C HIS A 28 -5.88 -20.63 -6.11
N GLY A 29 -6.18 -20.06 -7.27
CA GLY A 29 -6.82 -20.83 -8.33
C GLY A 29 -7.54 -19.89 -9.27
N THR A 30 -8.47 -20.45 -10.03
CA THR A 30 -9.21 -19.66 -11.00
C THR A 30 -10.68 -19.77 -10.65
N VAL A 31 -11.36 -18.64 -10.72
N VAL A 31 -11.36 -18.63 -10.66
CA VAL A 31 -12.75 -18.51 -10.31
CA VAL A 31 -12.76 -18.57 -10.29
C VAL A 31 -13.52 -17.75 -11.36
C VAL A 31 -13.52 -17.77 -11.35
N THR A 32 -14.74 -18.21 -11.65
CA THR A 32 -15.61 -17.50 -12.58
C THR A 32 -16.23 -16.31 -11.87
N VAL A 33 -16.09 -15.13 -12.46
CA VAL A 33 -16.63 -13.88 -11.90
C VAL A 33 -17.58 -13.28 -12.93
N PRO A 34 -18.77 -12.85 -12.53
CA PRO A 34 -19.63 -12.14 -13.48
C PRO A 34 -18.99 -10.81 -13.84
N VAL A 35 -19.07 -10.45 -15.11
CA VAL A 35 -18.69 -9.09 -15.52
C VAL A 35 -19.76 -8.11 -15.06
N ASN A 36 -19.32 -6.95 -14.53
CA ASN A 36 -20.24 -5.99 -13.90
C ASN A 36 -21.06 -6.64 -12.78
N PRO A 37 -20.40 -7.24 -11.80
CA PRO A 37 -21.13 -7.95 -10.74
C PRO A 37 -21.94 -7.01 -9.88
N LYS A 38 -23.07 -7.49 -9.38
N LYS A 38 -22.89 -7.62 -9.16
CA LYS A 38 -24.13 -6.61 -8.91
CA LYS A 38 -23.77 -6.95 -8.23
C LYS A 38 -23.85 -5.94 -7.57
C LYS A 38 -23.31 -7.12 -6.78
N ASN A 39 -23.86 -6.75 -6.52
N ASN A 39 -23.62 -6.09 -5.98
CA ASN A 39 -23.46 -6.35 -5.20
CA ASN A 39 -23.51 -6.14 -4.53
C ASN A 39 -22.01 -6.82 -5.05
C ASN A 39 -22.10 -6.45 -4.08
N VAL A 40 -21.15 -5.91 -4.60
N VAL A 40 -21.12 -5.76 -4.69
CA VAL A 40 -19.72 -6.14 -4.47
CA VAL A 40 -19.73 -6.07 -4.45
C VAL A 40 -19.28 -5.68 -3.08
C VAL A 40 -19.31 -5.67 -3.04
N VAL A 41 -18.55 -6.54 -2.38
CA VAL A 41 -17.88 -6.16 -1.13
C VAL A 41 -16.41 -6.07 -1.44
N ALA A 42 -15.78 -4.94 -1.08
CA ALA A 42 -14.36 -4.75 -1.34
C ALA A 42 -13.63 -4.55 -0.03
N LEU A 43 -12.52 -5.28 0.14
CA LEU A 43 -11.76 -5.28 1.37
C LEU A 43 -10.26 -5.02 1.16
N ASP A 44 -9.85 -4.60 -0.05
CA ASP A 44 -8.44 -4.49 -0.41
C ASP A 44 -8.00 -3.01 -0.44
N ASN A 45 -7.17 -2.62 0.55
CA ASN A 45 -6.71 -1.24 0.59
C ASN A 45 -5.97 -0.86 -0.68
N ARG A 46 -5.39 -1.80 -1.40
CA ARG A 46 -4.59 -1.41 -2.56
C ARG A 46 -5.47 -1.01 -3.74
N THR A 47 -6.77 -1.34 -3.74
CA THR A 47 -7.60 -1.10 -4.92
C THR A 47 -8.83 -0.24 -4.70
N PHE A 48 -9.09 0.25 -3.48
CA PHE A 48 -10.27 1.10 -3.28
C PHE A 48 -10.23 2.31 -4.20
N GLU A 49 -9.07 2.99 -4.31
CA GLU A 49 -9.02 4.21 -5.09
C GLU A 49 -9.29 3.95 -6.58
N THR A 50 -8.82 2.81 -7.08
CA THR A 50 -9.12 2.42 -8.47
C THR A 50 -10.63 2.27 -8.66
N LEU A 51 -11.26 1.54 -7.74
CA LEU A 51 -12.70 1.32 -7.83
C LEU A 51 -13.47 2.66 -7.79
N SER A 52 -13.06 3.56 -6.90
N SER A 52 -13.06 3.58 -6.89
CA SER A 52 -13.75 4.83 -6.81
CA SER A 52 -13.77 4.85 -6.80
C SER A 52 -13.52 5.68 -8.05
C SER A 52 -13.50 5.73 -8.02
N ASP A 53 -12.27 5.72 -8.54
CA ASP A 53 -12.00 6.48 -9.78
C ASP A 53 -12.82 5.95 -10.95
N TRP A 54 -13.06 4.63 -10.98
CA TRP A 54 -13.85 4.04 -12.05
C TRP A 54 -15.35 4.13 -11.81
N GLY A 55 -15.78 4.70 -10.69
CA GLY A 55 -17.18 4.88 -10.41
C GLY A 55 -17.91 3.61 -10.05
N ILE A 56 -17.20 2.64 -9.51
CA ILE A 56 -17.83 1.35 -9.17
C ILE A 56 -18.65 1.50 -7.89
N GLU A 57 -19.90 1.10 -7.94
N GLU A 57 -19.90 1.08 -7.93
CA GLU A 57 -20.73 1.07 -6.75
CA GLU A 57 -20.74 1.10 -6.74
C GLU A 57 -20.35 -0.14 -5.91
C GLU A 57 -20.45 -0.14 -5.90
N LEU A 58 -20.21 0.09 -4.60
CA LEU A 58 -19.91 -0.99 -3.68
C LEU A 58 -20.99 -1.12 -2.63
N ALA A 59 -21.24 -2.37 -2.22
CA ALA A 59 -22.25 -2.60 -1.17
C ALA A 59 -21.69 -2.44 0.24
N ALA A 60 -20.42 -2.76 0.46
CA ALA A 60 -19.84 -2.69 1.79
C ALA A 60 -18.32 -2.59 1.66
N VAL A 61 -17.70 -1.89 2.62
CA VAL A 61 -16.24 -1.74 2.69
C VAL A 61 -15.86 -1.67 4.17
N PRO A 62 -14.58 -1.84 4.53
CA PRO A 62 -14.16 -1.77 5.95
C PRO A 62 -13.70 -0.34 6.22
N LYS A 63 -14.63 0.53 6.60
CA LYS A 63 -14.33 1.96 6.64
C LYS A 63 -13.19 2.35 7.59
N PRO A 64 -13.03 1.75 8.78
CA PRO A 64 -11.96 2.22 9.69
C PRO A 64 -10.56 2.05 9.15
N VAL A 65 -10.33 1.18 8.17
CA VAL A 65 -8.98 0.98 7.66
C VAL A 65 -8.72 1.79 6.40
N MET A 66 -9.67 2.64 6.00
CA MET A 66 -9.56 3.36 4.73
C MET A 66 -9.23 4.82 4.96
N PRO A 67 -8.70 5.51 3.94
CA PRO A 67 -8.45 6.96 4.07
C PRO A 67 -9.77 7.67 4.35
N ALA A 68 -9.72 8.67 5.26
CA ALA A 68 -10.92 9.41 5.61
C ALA A 68 -11.58 10.05 4.40
N ASP A 69 -10.80 10.41 3.39
N ASP A 69 -10.81 10.43 3.38
CA ASP A 69 -11.38 11.14 2.26
CA ASP A 69 -11.38 11.13 2.24
C ASP A 69 -12.01 10.21 1.23
C ASP A 69 -11.81 10.18 1.11
N SER A 70 -11.87 8.90 1.37
CA SER A 70 -12.43 7.99 0.37
C SER A 70 -13.91 8.25 0.20
N PRO A 71 -14.38 8.39 -1.05
CA PRO A 71 -15.85 8.54 -1.23
C PRO A 71 -16.64 7.40 -0.65
N TYR A 72 -16.09 6.17 -0.57
CA TYR A 72 -16.83 5.07 -0.01
C TYR A 72 -17.03 5.26 1.49
N VAL A 73 -16.03 5.81 2.18
CA VAL A 73 -16.17 6.03 3.61
C VAL A 73 -17.30 7.00 3.84
N LYS A 74 -17.36 8.06 3.02
CA LYS A 74 -18.33 9.12 3.25
C LYS A 74 -19.75 8.76 2.80
N ASP A 75 -19.92 7.67 2.05
CA ASP A 75 -21.21 7.30 1.46
C ASP A 75 -22.03 6.47 2.47
N GLU A 76 -23.12 7.07 2.99
CA GLU A 76 -24.00 6.38 3.91
C GLU A 76 -24.63 5.13 3.30
N SER A 77 -24.66 5.02 1.95
CA SER A 77 -25.27 3.85 1.32
C SER A 77 -24.32 2.66 1.21
N VAL A 78 -23.06 2.83 1.60
CA VAL A 78 -22.09 1.74 1.58
C VAL A 78 -21.99 1.25 3.02
N GLN A 79 -22.31 -0.04 3.25
CA GLN A 79 -22.30 -0.53 4.64
C GLN A 79 -20.86 -0.64 5.14
N ASP A 80 -20.69 -0.60 6.45
CA ASP A 80 -19.37 -0.62 7.08
C ASP A 80 -19.10 -1.98 7.70
N ILE A 81 -18.12 -2.69 7.12
CA ILE A 81 -17.67 -3.97 7.65
C ILE A 81 -16.91 -3.82 8.96
N GLY A 82 -16.39 -2.65 9.26
CA GLY A 82 -15.64 -2.48 10.49
C GLY A 82 -14.13 -2.62 10.31
N SER A 83 -13.42 -2.63 11.44
CA SER A 83 -11.97 -2.68 11.36
C SER A 83 -11.48 -4.09 11.06
N HIS A 84 -10.21 -4.18 10.72
CA HIS A 84 -9.61 -5.47 10.43
C HIS A 84 -9.33 -6.25 11.70
N GLY A 85 -9.23 -5.58 12.85
CA GLY A 85 -9.04 -6.29 14.09
C GLY A 85 -10.31 -6.90 14.62
N GLU A 86 -11.43 -6.24 14.38
CA GLU A 86 -12.72 -6.66 14.94
C GLU A 86 -13.80 -6.49 13.89
N PRO A 87 -13.73 -7.21 12.77
CA PRO A 87 -14.69 -6.98 11.69
C PRO A 87 -16.04 -7.61 11.98
N ASN A 88 -17.06 -7.10 11.29
CA ASN A 88 -18.39 -7.70 11.32
C ASN A 88 -18.61 -8.44 9.99
N LEU A 89 -17.99 -9.60 9.86
CA LEU A 89 -18.06 -10.32 8.59
C LEU A 89 -19.47 -10.80 8.28
N GLU A 90 -20.35 -10.91 9.29
CA GLU A 90 -21.74 -11.29 9.05
C GLU A 90 -22.41 -10.35 8.05
N ILE A 91 -21.97 -9.10 7.98
CA ILE A 91 -22.58 -8.18 7.01
C ILE A 91 -22.35 -8.65 5.59
N ILE A 92 -21.21 -9.30 5.31
CA ILE A 92 -20.97 -9.86 3.97
C ILE A 92 -22.05 -10.85 3.59
N ALA A 93 -22.44 -11.72 4.52
CA ALA A 93 -23.54 -12.65 4.22
C ALA A 93 -24.85 -11.90 3.99
N ALA A 94 -25.14 -10.88 4.80
CA ALA A 94 -26.39 -10.14 4.65
C ALA A 94 -26.49 -9.44 3.29
N VAL A 95 -25.36 -8.90 2.82
CA VAL A 95 -25.28 -8.25 1.51
C VAL A 95 -25.51 -9.25 0.37
N ASP A 96 -25.13 -10.50 0.57
CA ASP A 96 -25.26 -11.54 -0.45
C ASP A 96 -24.60 -11.16 -1.79
N PRO A 97 -23.30 -10.93 -1.78
CA PRO A 97 -22.62 -10.35 -2.94
C PRO A 97 -22.39 -11.40 -4.01
N GLU A 98 -22.23 -10.91 -5.24
CA GLU A 98 -21.71 -11.76 -6.30
C GLU A 98 -20.19 -11.81 -6.29
N LEU A 99 -19.53 -10.83 -5.68
CA LEU A 99 -18.07 -10.74 -5.68
C LEU A 99 -17.60 -10.17 -4.35
N VAL A 100 -16.59 -10.80 -3.74
CA VAL A 100 -15.86 -10.22 -2.62
C VAL A 100 -14.41 -10.07 -3.05
N ILE A 101 -13.86 -8.87 -2.88
CA ILE A 101 -12.47 -8.60 -3.24
C ILE A 101 -11.68 -8.56 -1.94
N VAL A 102 -10.91 -9.60 -1.67
CA VAL A 102 -10.08 -9.67 -0.45
C VAL A 102 -8.71 -9.08 -0.78
N GLY A 103 -8.12 -8.34 0.15
CA GLY A 103 -6.73 -7.94 0.00
C GLY A 103 -6.16 -7.67 1.38
N GLN A 104 -4.91 -7.19 1.37
CA GLN A 104 -4.01 -6.85 2.48
C GLN A 104 -4.51 -7.13 3.90
N ARG A 105 -5.32 -6.22 4.45
CA ARG A 105 -5.69 -6.33 5.88
C ARG A 105 -6.74 -7.39 6.15
N PHE A 106 -7.38 -7.92 5.10
CA PHE A 106 -8.39 -8.94 5.27
C PHE A 106 -7.95 -10.30 4.73
N ALA A 107 -6.69 -10.42 4.36
CA ALA A 107 -6.18 -11.67 3.81
C ALA A 107 -6.41 -12.84 4.75
N ARG A 108 -6.26 -12.63 6.05
CA ARG A 108 -6.40 -13.75 6.98
C ARG A 108 -7.83 -14.25 7.09
N PHE A 109 -8.78 -13.51 6.54
CA PHE A 109 -10.17 -13.90 6.57
C PHE A 109 -10.64 -14.60 5.31
N TYR A 110 -9.74 -14.84 4.36
CA TYR A 110 -10.14 -15.38 3.06
C TYR A 110 -10.96 -16.68 3.23
N ASP A 111 -10.44 -17.64 3.98
CA ASP A 111 -11.18 -18.90 4.13
C ASP A 111 -12.52 -18.68 4.84
N ASP A 112 -12.53 -17.85 5.89
CA ASP A 112 -13.78 -17.56 6.60
C ASP A 112 -14.81 -16.94 5.66
N ILE A 113 -14.37 -16.03 4.79
CA ILE A 113 -15.31 -15.35 3.90
C ILE A 113 -15.88 -16.33 2.88
N LYS A 114 -15.04 -17.24 2.36
CA LYS A 114 -15.57 -18.24 1.43
C LYS A 114 -16.64 -19.09 2.09
N LYS A 115 -16.46 -19.40 3.37
CA LYS A 115 -17.47 -20.20 4.08
C LYS A 115 -18.76 -19.42 4.30
N LEU A 116 -18.65 -18.10 4.55
CA LEU A 116 -19.84 -17.29 4.80
C LEU A 116 -20.67 -17.12 3.54
N VAL A 117 -19.99 -16.94 2.40
CA VAL A 117 -20.68 -16.67 1.13
C VAL A 117 -20.21 -17.65 0.06
N PRO A 118 -20.65 -18.90 0.15
CA PRO A 118 -20.18 -19.91 -0.80
C PRO A 118 -20.68 -19.69 -2.22
N ASN A 119 -21.69 -18.87 -2.44
CA ASN A 119 -22.18 -18.56 -3.79
C ASN A 119 -21.53 -17.32 -4.38
N ALA A 120 -20.70 -16.59 -3.62
CA ALA A 120 -20.00 -15.44 -4.16
C ALA A 120 -18.70 -15.93 -4.79
N ALA A 121 -18.22 -15.19 -5.79
CA ALA A 121 -16.83 -15.31 -6.22
C ALA A 121 -16.00 -14.52 -5.21
N VAL A 122 -15.02 -15.17 -4.59
CA VAL A 122 -14.15 -14.50 -3.63
C VAL A 122 -12.76 -14.53 -4.23
N ILE A 123 -12.20 -13.36 -4.54
CA ILE A 123 -10.85 -13.28 -5.11
C ILE A 123 -9.92 -12.68 -4.08
N ASP A 124 -8.69 -13.18 -4.05
CA ASP A 124 -7.69 -12.70 -3.09
C ASP A 124 -6.59 -11.96 -3.84
N LEU A 125 -6.55 -10.63 -3.69
CA LEU A 125 -5.53 -9.77 -4.30
C LEU A 125 -4.43 -9.41 -3.30
N ASN A 126 -4.30 -10.17 -2.22
CA ASN A 126 -3.13 -9.97 -1.35
C ASN A 126 -1.93 -10.72 -1.93
N PHE A 127 -0.88 -10.05 -2.18
CA PHE A 127 0.34 -10.70 -2.58
C PHE A 127 1.35 -10.55 -1.45
N ASP A 128 2.42 -11.36 -1.50
CA ASP A 128 3.33 -11.52 -0.36
C ASP A 128 4.45 -10.48 -0.41
N VAL A 129 4.46 -9.58 0.59
CA VAL A 129 5.58 -8.69 0.83
C VAL A 129 6.15 -8.90 2.23
N SER A 130 5.98 -10.09 2.76
CA SER A 130 6.44 -10.39 4.11
C SER A 130 7.87 -10.93 4.06
N THR A 131 8.41 -11.31 5.23
CA THR A 131 9.73 -11.95 5.22
C THR A 131 9.73 -13.31 4.55
N GLU A 132 8.54 -13.89 4.33
CA GLU A 132 8.47 -15.19 3.66
C GLU A 132 8.54 -15.06 2.15
N ALA A 133 8.53 -13.82 1.61
CA ALA A 133 8.62 -13.64 0.16
C ALA A 133 10.08 -13.61 -0.29
N ASP A 134 10.44 -14.45 -1.28
CA ASP A 134 11.78 -14.37 -1.84
C ASP A 134 11.90 -13.34 -2.97
N ALA A 135 10.79 -12.71 -3.36
CA ALA A 135 10.85 -11.73 -4.42
C ALA A 135 9.87 -10.61 -4.13
N PRO A 136 9.98 -9.95 -2.98
CA PRO A 136 8.93 -8.95 -2.63
C PRO A 136 8.86 -7.77 -3.60
N GLY A 137 9.98 -7.34 -4.19
CA GLY A 137 9.89 -6.26 -5.17
C GLY A 137 9.04 -6.62 -6.36
N GLU A 138 9.32 -7.78 -6.97
N GLU A 138 9.33 -7.78 -6.97
CA GLU A 138 8.51 -8.20 -8.10
CA GLU A 138 8.52 -8.25 -8.10
C GLU A 138 7.07 -8.50 -7.67
C GLU A 138 7.08 -8.49 -7.66
N ASN A 139 6.89 -9.05 -6.47
CA ASN A 139 5.52 -9.30 -5.99
C ASN A 139 4.74 -8.01 -5.91
N LEU A 140 5.37 -6.92 -5.43
CA LEU A 140 4.69 -5.62 -5.37
C LEU A 140 4.36 -5.10 -6.77
N VAL A 141 5.35 -5.06 -7.66
CA VAL A 141 5.12 -4.45 -8.98
C VAL A 141 4.11 -5.28 -9.77
N ASN A 142 4.36 -6.58 -9.88
CA ASN A 142 3.42 -7.43 -10.62
C ASN A 142 2.10 -7.57 -9.91
N GLY A 143 2.12 -7.48 -8.59
CA GLY A 143 0.87 -7.63 -7.83
C GLY A 143 -0.06 -6.45 -8.06
N LEU A 144 0.47 -5.23 -8.01
CA LEU A 144 -0.37 -4.08 -8.30
C LEU A 144 -0.86 -4.11 -9.74
N LYS A 145 0.01 -4.48 -10.71
CA LYS A 145 -0.44 -4.57 -12.10
C LYS A 145 -1.51 -5.63 -12.23
N ASP A 146 -1.28 -6.81 -11.64
CA ASP A 146 -2.28 -7.90 -11.75
C ASP A 146 -3.61 -7.52 -11.14
N SER A 147 -3.60 -6.86 -9.98
CA SER A 147 -4.84 -6.45 -9.37
C SER A 147 -5.58 -5.49 -10.29
N THR A 148 -4.86 -4.54 -10.88
CA THR A 148 -5.50 -3.55 -11.72
C THR A 148 -6.09 -4.22 -12.96
N ILE A 149 -5.33 -5.13 -13.58
CA ILE A 149 -5.85 -5.82 -14.75
C ILE A 149 -7.06 -6.68 -14.45
N ALA A 150 -7.02 -7.42 -13.33
CA ALA A 150 -8.16 -8.25 -12.96
C ALA A 150 -9.41 -7.39 -12.74
N LEU A 151 -9.27 -6.27 -12.01
CA LEU A 151 -10.44 -5.43 -11.79
C LEU A 151 -10.92 -4.81 -13.10
N GLY A 152 -10.01 -4.46 -14.01
CA GLY A 152 -10.45 -3.95 -15.30
C GLY A 152 -11.26 -4.98 -16.07
N GLN A 153 -10.87 -6.27 -15.98
CA GLN A 153 -11.64 -7.32 -16.66
C GLN A 153 -13.02 -7.47 -16.03
N ILE A 154 -13.10 -7.44 -14.68
CA ILE A 154 -14.36 -7.70 -14.03
C ILE A 154 -15.32 -6.55 -14.27
N PHE A 155 -14.81 -5.30 -14.32
CA PHE A 155 -15.65 -4.12 -14.34
C PHE A 155 -15.73 -3.43 -15.68
N ASP A 156 -15.22 -4.09 -16.73
N ASP A 156 -15.23 -4.07 -16.74
CA ASP A 156 -15.25 -3.53 -18.10
CA ASP A 156 -15.27 -3.50 -18.10
C ASP A 156 -14.58 -2.15 -18.12
C ASP A 156 -14.56 -2.14 -18.13
N LYS A 157 -13.38 -2.10 -17.53
CA LYS A 157 -12.55 -0.89 -17.45
C LYS A 157 -11.15 -1.23 -17.97
N ASN A 158 -11.10 -1.97 -19.09
CA ASN A 158 -9.82 -2.48 -19.56
C ASN A 158 -8.91 -1.38 -20.07
N LYS A 159 -9.48 -0.38 -20.75
N LYS A 159 -9.47 -0.37 -20.74
CA LYS A 159 -8.66 0.76 -21.18
CA LYS A 159 -8.65 0.76 -21.18
C LYS A 159 -8.08 1.53 -19.99
C LYS A 159 -8.07 1.52 -19.99
N GLU A 160 -8.90 1.78 -18.97
CA GLU A 160 -8.40 2.50 -17.81
C GLU A 160 -7.33 1.69 -17.09
N ALA A 161 -7.52 0.37 -17.02
CA ALA A 161 -6.51 -0.48 -16.37
C ALA A 161 -5.22 -0.46 -17.15
N GLU A 162 -5.30 -0.54 -18.49
N GLU A 162 -5.31 -0.55 -18.49
CA GLU A 162 -4.08 -0.51 -19.27
CA GLU A 162 -4.09 -0.51 -19.29
C GLU A 162 -3.34 0.80 -19.05
C GLU A 162 -3.34 0.80 -19.07
N GLN A 163 -4.07 1.92 -18.99
CA GLN A 163 -3.40 3.21 -18.81
C GLN A 163 -2.71 3.30 -17.46
N LEU A 164 -3.37 2.84 -16.38
N LEU A 164 -3.37 2.81 -16.40
CA LEU A 164 -2.74 2.82 -15.06
CA LEU A 164 -2.79 2.80 -15.06
C LEU A 164 -1.47 1.99 -15.06
C LEU A 164 -1.51 1.98 -15.02
N VAL A 165 -1.52 0.80 -15.66
CA VAL A 165 -0.33 -0.04 -15.67
C VAL A 165 0.79 0.63 -16.45
N ALA A 166 0.46 1.24 -17.61
CA ALA A 166 1.50 1.89 -18.40
C ALA A 166 2.10 3.07 -17.61
N ASP A 167 1.26 3.85 -16.92
CA ASP A 167 1.76 4.96 -16.13
C ASP A 167 2.68 4.46 -15.01
N PHE A 168 2.32 3.33 -14.41
CA PHE A 168 3.10 2.78 -13.31
C PHE A 168 4.46 2.30 -13.81
N ASP A 169 4.49 1.57 -14.95
CA ASP A 169 5.75 1.11 -15.50
C ASP A 169 6.66 2.32 -15.80
N GLN A 170 6.07 3.41 -16.32
N GLN A 170 6.07 3.39 -16.36
CA GLN A 170 6.91 4.54 -16.67
CA GLN A 170 6.84 4.59 -16.68
C GLN A 170 7.43 5.24 -15.41
C GLN A 170 7.43 5.19 -15.41
N ALA A 171 6.60 5.30 -14.36
CA ALA A 171 7.06 5.89 -13.10
C ALA A 171 8.19 5.08 -12.48
N ILE A 172 8.07 3.76 -12.51
CA ILE A 172 9.16 2.92 -12.03
C ILE A 172 10.43 3.21 -12.82
N ALA A 173 10.33 3.26 -14.15
CA ALA A 173 11.54 3.48 -14.95
C ALA A 173 12.20 4.82 -14.64
N GLU A 174 11.40 5.86 -14.44
CA GLU A 174 11.96 7.18 -14.16
C GLU A 174 12.61 7.22 -12.79
N ALA A 175 12.01 6.57 -11.79
CA ALA A 175 12.62 6.55 -10.46
C ALA A 175 13.87 5.69 -10.43
N LYS A 176 13.92 4.62 -11.23
CA LYS A 176 15.16 3.85 -11.35
C LYS A 176 16.26 4.69 -11.95
N SER A 177 15.95 5.37 -13.05
N SER A 177 15.97 5.38 -13.05
CA SER A 177 16.94 6.18 -13.76
CA SER A 177 17.02 6.17 -13.72
C SER A 177 17.50 7.30 -12.86
C SER A 177 17.53 7.28 -12.81
N ALA A 178 16.65 7.83 -11.97
CA ALA A 178 17.03 8.94 -11.11
C ALA A 178 18.03 8.54 -10.04
N TYR A 179 17.97 7.30 -9.58
CA TYR A 179 18.83 6.87 -8.48
C TYR A 179 20.25 6.67 -9.00
N ASN A 180 21.21 7.25 -8.31
CA ASN A 180 22.61 7.20 -8.78
C ASN A 180 23.35 5.90 -8.46
N GLY A 181 22.72 5.00 -7.73
CA GLY A 181 23.33 3.73 -7.44
C GLY A 181 24.25 3.70 -6.26
N THR A 182 24.65 4.86 -5.74
CA THR A 182 25.61 4.90 -4.63
C THR A 182 25.04 5.49 -3.35
N ASP A 183 24.04 6.40 -3.44
CA ASP A 183 23.52 7.01 -2.24
C ASP A 183 22.89 5.93 -1.35
N THR A 184 23.16 6.00 -0.06
CA THR A 184 22.53 5.03 0.85
C THR A 184 21.16 5.51 1.30
N VAL A 185 20.28 4.55 1.60
CA VAL A 185 18.87 4.84 1.89
C VAL A 185 18.51 4.26 3.24
N MET A 186 17.97 5.10 4.13
CA MET A 186 17.34 4.69 5.38
C MET A 186 15.85 4.88 5.21
N SER A 187 15.04 3.85 5.56
N SER A 187 15.06 3.85 5.56
CA SER A 187 13.59 3.90 5.41
CA SER A 187 13.61 3.88 5.41
C SER A 187 12.97 3.67 6.77
C SER A 187 12.97 3.66 6.77
N VAL A 188 11.98 4.48 7.12
CA VAL A 188 11.41 4.47 8.46
C VAL A 188 9.88 4.54 8.45
N VAL A 189 9.29 4.02 9.52
CA VAL A 189 7.86 4.17 9.76
C VAL A 189 7.74 4.98 11.03
N VAL A 190 7.11 6.14 10.95
CA VAL A 190 6.92 6.98 12.13
C VAL A 190 5.50 6.77 12.66
N SER A 191 5.38 6.45 13.94
CA SER A 191 4.08 6.18 14.56
C SER A 191 4.18 6.55 16.03
N GLY A 192 3.21 7.29 16.55
CA GLY A 192 3.25 7.58 17.97
C GLY A 192 4.47 8.35 18.42
N GLY A 193 5.09 9.13 17.51
CA GLY A 193 6.34 9.81 17.81
C GLY A 193 7.58 8.95 17.69
N ASN A 194 7.45 7.66 17.46
N ASN A 194 7.44 7.63 17.49
CA ASN A 194 8.58 6.75 17.40
CA ASN A 194 8.54 6.66 17.42
C ASN A 194 9.01 6.59 15.95
C ASN A 194 8.99 6.52 15.97
N ILE A 195 10.30 6.42 15.76
CA ILE A 195 10.86 6.21 14.43
C ILE A 195 11.25 4.74 14.34
N GLY A 196 10.40 3.92 13.67
CA GLY A 196 10.71 2.52 13.45
C GLY A 196 11.42 2.27 12.16
N PHE A 197 12.13 1.12 12.08
CA PHE A 197 12.93 0.81 10.90
C PHE A 197 12.13 0.01 9.89
N SER A 198 12.06 0.48 8.62
CA SER A 198 11.42 -0.29 7.56
C SER A 198 12.58 -0.98 6.86
N ALA A 199 12.76 -2.29 7.10
CA ALA A 199 13.96 -2.96 6.65
C ALA A 199 13.93 -3.20 5.13
N PRO A 200 15.10 -3.28 4.48
CA PRO A 200 15.12 -3.76 3.09
C PRO A 200 14.38 -5.09 2.96
N HIS A 201 13.78 -5.28 1.78
CA HIS A 201 13.01 -6.46 1.37
C HIS A 201 11.63 -6.50 2.02
N SER A 202 11.58 -6.60 3.35
CA SER A 202 10.34 -6.89 4.07
C SER A 202 9.70 -5.69 4.78
N GLY A 203 10.43 -4.57 4.93
CA GLY A 203 9.89 -3.43 5.64
C GLY A 203 8.60 -2.92 5.02
N ARG A 204 7.70 -2.46 5.89
CA ARG A 204 6.40 -1.96 5.41
C ARG A 204 6.60 -0.77 4.46
N VAL A 205 5.95 -0.84 3.30
CA VAL A 205 6.02 0.10 2.15
C VAL A 205 7.38 0.07 1.49
N TRP A 206 8.42 0.48 2.21
CA TRP A 206 9.72 0.71 1.58
C TRP A 206 10.51 -0.56 1.27
N GLY A 207 10.30 -1.63 2.04
CA GLY A 207 11.14 -2.80 1.91
C GLY A 207 11.26 -3.31 0.50
N PRO A 208 10.11 -3.62 -0.14
CA PRO A 208 10.16 -4.20 -1.49
C PRO A 208 10.79 -3.24 -2.48
N MET A 209 10.73 -1.92 -2.21
CA MET A 209 11.26 -0.93 -3.14
C MET A 209 12.78 -1.00 -3.20
N TYR A 210 13.43 -1.48 -2.13
CA TYR A 210 14.89 -1.67 -2.23
C TYR A 210 15.22 -2.61 -3.39
N GLU A 211 14.41 -3.66 -3.57
CA GLU A 211 14.63 -4.62 -4.64
C GLU A 211 14.29 -4.02 -5.99
N ILE A 212 13.20 -3.26 -6.07
CA ILE A 212 12.78 -2.67 -7.35
C ILE A 212 13.85 -1.74 -7.86
N PHE A 213 14.40 -0.88 -6.98
CA PHE A 213 15.28 0.18 -7.44
C PHE A 213 16.75 -0.12 -7.21
N GLY A 214 17.07 -1.15 -6.42
CA GLY A 214 18.47 -1.43 -6.10
C GLY A 214 19.09 -0.42 -5.14
N TRP A 215 18.32 0.10 -4.18
CA TRP A 215 18.89 1.05 -3.24
C TRP A 215 19.87 0.33 -2.33
N THR A 216 20.99 0.97 -2.05
CA THR A 216 21.93 0.43 -1.07
C THR A 216 21.42 0.78 0.32
N PRO A 217 21.22 -0.19 1.20
CA PRO A 217 20.74 0.13 2.56
C PRO A 217 21.78 0.86 3.37
N ALA A 218 21.33 1.87 4.10
CA ALA A 218 22.22 2.52 5.06
C ALA A 218 22.47 1.63 6.26
N LEU A 219 21.51 0.76 6.60
CA LEU A 219 21.59 -0.05 7.81
C LEU A 219 20.94 -1.40 7.53
N LYS A 220 21.51 -2.43 8.11
CA LYS A 220 20.90 -3.76 8.14
C LYS A 220 20.84 -4.18 9.60
N ILE A 221 19.74 -4.84 10.00
CA ILE A 221 19.58 -5.27 11.39
C ILE A 221 19.29 -6.75 11.43
N ASP A 222 19.57 -7.35 12.57
CA ASP A 222 19.16 -8.73 12.79
C ASP A 222 17.68 -8.78 13.13
N GLY A 223 17.02 -9.84 12.66
CA GLY A 223 15.62 -10.00 13.02
C GLY A 223 14.68 -9.04 12.33
N ALA A 224 15.02 -8.60 11.13
CA ALA A 224 14.12 -7.71 10.42
C ALA A 224 12.77 -8.40 10.18
N SER A 225 11.71 -7.60 10.14
CA SER A 225 10.34 -8.10 9.99
C SER A 225 9.59 -7.24 8.98
N SER A 226 8.26 -7.38 8.96
N SER A 226 8.27 -7.41 8.94
CA SER A 226 7.38 -6.48 8.22
CA SER A 226 7.40 -6.51 8.21
C SER A 226 6.52 -5.63 9.14
C SER A 226 6.47 -5.75 9.16
N ASP A 227 6.93 -5.52 10.40
CA ASP A 227 6.12 -4.84 11.44
C ASP A 227 5.51 -3.56 10.90
N HIS A 228 4.19 -3.43 11.06
CA HIS A 228 3.53 -2.25 10.52
C HIS A 228 3.97 -0.96 11.16
N GLN A 229 4.63 -1.00 12.33
CA GLN A 229 5.21 0.19 12.96
C GLN A 229 6.71 0.29 12.74
N GLY A 230 7.26 -0.55 11.87
CA GLY A 230 8.71 -0.65 11.75
C GLY A 230 9.31 -1.46 12.90
N ASP A 231 10.52 -1.96 12.66
CA ASP A 231 11.25 -2.62 13.73
C ASP A 231 11.86 -1.61 14.69
N ASP A 232 11.94 -1.99 15.97
CA ASP A 232 12.54 -1.10 16.96
C ASP A 232 14.03 -0.87 16.65
N VAL A 233 14.44 0.39 16.64
N VAL A 233 14.44 0.40 16.62
CA VAL A 233 15.83 0.77 16.44
CA VAL A 233 15.84 0.78 16.42
C VAL A 233 15.98 2.08 17.20
C VAL A 233 16.00 2.12 17.14
N SER A 234 17.17 2.33 17.75
CA SER A 234 17.38 3.62 18.39
C SER A 234 17.66 4.70 17.36
N VAL A 235 17.32 5.94 17.72
N VAL A 235 17.29 5.93 17.69
CA VAL A 235 17.63 7.02 16.80
CA VAL A 235 17.60 7.01 16.76
C VAL A 235 19.13 7.09 16.60
C VAL A 235 19.10 7.17 16.60
N GLU A 236 19.90 6.84 17.65
N GLU A 236 19.87 6.84 17.65
CA GLU A 236 21.34 6.92 17.52
CA GLU A 236 21.32 6.90 17.55
C GLU A 236 21.86 5.86 16.55
C GLU A 236 21.84 5.87 16.56
N ALA A 237 21.26 4.68 16.55
CA ALA A 237 21.67 3.68 15.55
C ALA A 237 21.37 4.16 14.13
N ILE A 238 20.21 4.78 13.91
CA ILE A 238 19.93 5.34 12.59
C ILE A 238 20.98 6.41 12.25
N ALA A 239 21.26 7.30 13.21
CA ALA A 239 22.18 8.39 12.92
C ALA A 239 23.58 7.86 12.62
N GLN A 240 24.02 6.80 13.36
CA GLN A 240 25.35 6.25 13.11
C GLN A 240 25.47 5.66 11.72
N SER A 241 24.36 5.17 11.15
CA SER A 241 24.42 4.67 9.77
C SER A 241 24.61 5.79 8.74
N ASN A 242 24.44 7.04 9.15
CA ASN A 242 24.62 8.22 8.32
C ASN A 242 24.08 8.04 6.91
N PRO A 243 22.76 7.91 6.77
CA PRO A 243 22.17 7.73 5.44
C PRO A 243 22.29 8.98 4.59
N ASP A 244 22.39 8.75 3.27
CA ASP A 244 22.25 9.87 2.33
C ASP A 244 20.80 10.32 2.20
N TRP A 245 19.85 9.40 2.36
CA TRP A 245 18.41 9.69 2.21
C TRP A 245 17.68 9.08 3.37
N ILE A 246 16.63 9.77 3.84
CA ILE A 246 15.66 9.17 4.77
C ILE A 246 14.31 9.22 4.10
N PHE A 247 13.69 8.05 3.92
CA PHE A 247 12.36 7.95 3.31
C PHE A 247 11.39 7.61 4.42
N VAL A 248 10.34 8.40 4.58
CA VAL A 248 9.52 8.37 5.79
C VAL A 248 8.09 7.99 5.45
N LEU A 249 7.56 6.95 6.11
CA LEU A 249 6.14 6.61 6.05
C LEU A 249 5.51 7.19 7.33
N ASP A 250 4.48 8.02 7.20
CA ASP A 250 3.74 8.55 8.36
C ASP A 250 2.54 7.64 8.58
N ARG A 251 2.68 6.65 9.49
CA ARG A 251 1.60 5.68 9.70
C ARG A 251 0.34 6.37 10.23
N ASP A 252 0.46 7.16 11.28
CA ASP A 252 -0.74 7.61 11.99
C ASP A 252 -1.51 8.61 11.15
N ALA A 253 -0.83 9.35 10.26
CA ALA A 253 -1.54 10.33 9.44
C ALA A 253 -2.61 9.68 8.55
N ALA A 254 -2.42 8.41 8.21
CA ALA A 254 -3.32 7.72 7.30
C ALA A 254 -4.54 7.11 7.98
N VAL A 255 -4.53 7.01 9.32
CA VAL A 255 -5.50 6.24 10.06
C VAL A 255 -6.54 7.19 10.66
N SER A 256 -7.81 7.02 10.27
CA SER A 256 -8.86 7.98 10.64
C SER A 256 -9.04 8.08 12.16
N SER A 257 -8.92 6.98 12.87
CA SER A 257 -9.19 6.96 14.30
C SER A 257 -8.04 7.51 15.12
N MET A 258 -6.90 7.83 14.51
CA MET A 258 -5.76 8.36 15.25
C MET A 258 -5.85 9.86 15.15
N THR A 259 -6.51 10.47 16.12
CA THR A 259 -6.81 11.89 16.10
C THR A 259 -5.84 12.69 16.95
N ASP A 260 -4.93 12.03 17.68
CA ASP A 260 -3.89 12.76 18.41
C ASP A 260 -2.55 12.79 17.67
N ALA A 261 -2.56 12.61 16.34
CA ALA A 261 -1.34 12.25 15.65
C ALA A 261 -0.38 13.43 15.52
N VAL A 262 0.91 13.16 15.70
CA VAL A 262 1.98 14.14 15.51
C VAL A 262 2.53 13.92 14.12
N PRO A 263 2.51 14.92 13.22
CA PRO A 263 2.99 14.71 11.85
C PRO A 263 4.42 14.24 11.82
N ALA A 264 4.70 13.30 10.90
CA ALA A 264 6.04 12.72 10.83
C ALA A 264 7.10 13.78 10.53
N GLN A 265 6.75 14.82 9.76
CA GLN A 265 7.71 15.90 9.49
C GLN A 265 8.18 16.55 10.79
N ASP A 266 7.26 16.71 11.76
CA ASP A 266 7.63 17.32 13.03
C ASP A 266 8.53 16.39 13.82
N VAL A 267 8.26 15.09 13.78
CA VAL A 267 9.08 14.12 14.51
C VAL A 267 10.50 14.14 13.97
N ILE A 268 10.65 14.07 12.65
CA ILE A 268 11.98 14.02 12.06
C ILE A 268 12.72 15.34 12.30
N ASP A 269 12.02 16.47 12.11
N ASP A 269 12.03 16.47 12.10
CA ASP A 269 12.71 17.75 12.14
CA ASP A 269 12.69 17.77 12.20
C ASP A 269 13.26 18.04 13.53
C ASP A 269 13.23 18.01 13.60
N LYS A 270 12.63 17.50 14.56
N LYS A 270 12.55 17.48 14.61
CA LYS A 270 13.04 17.78 15.92
CA LYS A 270 12.92 17.71 16.00
C LYS A 270 13.75 16.62 16.58
C LYS A 270 13.66 16.54 16.63
N SER A 271 14.15 15.59 15.82
CA SER A 271 14.91 14.46 16.34
C SER A 271 16.38 14.84 16.45
N PRO A 272 16.94 14.97 17.64
CA PRO A 272 18.29 15.58 17.71
C PRO A 272 19.36 14.78 17.01
N ALA A 273 19.35 13.44 17.20
CA ALA A 273 20.44 12.63 16.68
C ALA A 273 20.46 12.62 15.18
N LEU A 274 19.31 12.84 14.53
CA LEU A 274 19.33 12.80 13.07
C LEU A 274 19.89 14.07 12.44
N GLN A 275 20.04 15.16 13.20
CA GLN A 275 20.33 16.43 12.53
C GLN A 275 21.68 16.42 11.82
N LYS A 276 22.66 15.70 12.35
CA LYS A 276 23.99 15.72 11.74
C LYS A 276 24.12 14.75 10.57
N THR A 277 23.09 13.96 10.29
CA THR A 277 23.21 13.04 9.16
C THR A 277 23.33 13.80 7.84
N THR A 278 23.95 13.16 6.87
CA THR A 278 23.94 13.71 5.52
C THR A 278 22.52 13.94 5.00
N ALA A 279 21.61 12.98 5.26
CA ALA A 279 20.24 13.16 4.80
C ALA A 279 19.64 14.48 5.31
N VAL A 280 19.68 14.72 6.62
CA VAL A 280 19.06 15.95 7.11
C VAL A 280 19.86 17.17 6.66
N SER A 281 21.19 17.07 6.69
CA SER A 281 22.03 18.21 6.37
C SER A 281 21.83 18.69 4.94
N LYS A 282 21.52 17.78 4.03
CA LYS A 282 21.31 18.10 2.62
C LYS A 282 19.82 18.23 2.26
N GLY A 283 18.92 18.07 3.23
CA GLY A 283 17.49 18.14 2.93
C GLY A 283 16.99 16.96 2.15
N GLN A 284 17.72 15.85 2.19
CA GLN A 284 17.43 14.64 1.40
C GLN A 284 16.53 13.71 2.21
N ILE A 285 15.31 14.20 2.44
CA ILE A 285 14.26 13.50 3.19
C ILE A 285 13.04 13.49 2.28
N VAL A 286 12.40 12.32 2.12
CA VAL A 286 11.18 12.23 1.31
C VAL A 286 10.11 11.61 2.18
N TYR A 287 8.93 12.26 2.22
CA TYR A 287 7.77 11.77 2.94
C TYR A 287 6.81 11.14 1.95
N ALA A 288 6.38 9.91 2.24
CA ALA A 288 5.35 9.32 1.37
C ALA A 288 4.05 10.10 1.54
N PRO A 289 3.15 10.06 0.56
CA PRO A 289 1.86 10.74 0.69
C PRO A 289 1.15 10.40 2.00
N LYS A 290 0.38 11.36 2.51
N LYS A 290 0.39 11.36 2.51
CA LYS A 290 -0.27 11.25 3.82
CA LYS A 290 -0.21 11.25 3.84
C LYS A 290 -1.05 9.94 3.99
C LYS A 290 -1.00 9.95 4.03
N ASP A 291 -1.80 9.54 2.96
N ASP A 291 -1.72 9.52 3.00
CA ASP A 291 -2.65 8.36 3.10
CA ASP A 291 -2.61 8.36 3.15
C ASP A 291 -1.97 7.05 2.70
C ASP A 291 -1.95 7.04 2.79
N THR A 292 -0.65 7.04 2.50
CA THR A 292 0.00 5.84 1.94
C THR A 292 -0.31 4.62 2.78
N TYR A 293 -0.20 4.74 4.12
CA TYR A 293 -0.35 3.55 4.98
C TYR A 293 -1.70 2.85 4.82
N THR A 294 -2.77 3.58 4.46
CA THR A 294 -4.08 2.98 4.20
C THR A 294 -4.43 2.99 2.72
N ASN A 295 -3.43 3.22 1.85
CA ASN A 295 -3.69 3.34 0.42
C ASN A 295 -2.40 2.98 -0.35
N GLU A 296 -1.95 1.74 -0.20
CA GLU A 296 -0.70 1.30 -0.86
C GLU A 296 -1.03 0.82 -2.27
N SER A 297 -1.36 1.80 -3.11
CA SER A 297 -1.95 1.56 -4.42
C SER A 297 -1.05 2.08 -5.54
N ILE A 298 -1.40 1.69 -6.78
N ILE A 298 -1.43 1.74 -6.78
CA ILE A 298 -0.72 2.32 -7.93
CA ILE A 298 -0.70 2.30 -7.91
C ILE A 298 -0.82 3.82 -7.87
C ILE A 298 -0.84 3.82 -7.97
N GLN A 299 -2.02 4.35 -7.61
CA GLN A 299 -2.18 5.80 -7.61
C GLN A 299 -1.25 6.47 -6.60
N THR A 300 -1.15 5.91 -5.39
CA THR A 300 -0.23 6.47 -4.40
C THR A 300 1.20 6.38 -4.89
N TYR A 301 1.58 5.24 -5.47
CA TYR A 301 2.97 5.10 -5.91
C TYR A 301 3.29 5.92 -7.17
N LEU A 302 2.30 6.29 -7.98
CA LEU A 302 2.61 7.22 -9.05
C LEU A 302 3.11 8.54 -8.46
N GLU A 303 2.42 9.01 -7.41
CA GLU A 303 2.82 10.25 -6.75
C GLU A 303 4.16 10.08 -6.06
N LEU A 304 4.31 9.00 -5.29
CA LEU A 304 5.58 8.77 -4.58
C LEU A 304 6.75 8.62 -5.56
N PHE A 305 6.59 7.78 -6.60
CA PHE A 305 7.71 7.56 -7.51
C PHE A 305 8.05 8.82 -8.28
N GLU A 306 7.04 9.66 -8.60
CA GLU A 306 7.38 10.94 -9.25
C GLU A 306 8.21 11.83 -8.31
N GLU A 307 7.85 11.86 -7.03
CA GLU A 307 8.60 12.66 -6.08
C GLU A 307 9.99 12.09 -5.86
N LEU A 308 10.13 10.76 -5.79
CA LEU A 308 11.48 10.19 -5.67
C LEU A 308 12.33 10.55 -6.88
N ALA A 309 11.75 10.43 -8.08
CA ALA A 309 12.53 10.73 -9.27
C ALA A 309 13.01 12.17 -9.24
N LYS A 310 12.12 13.10 -8.88
N LYS A 310 12.12 13.10 -8.88
CA LYS A 310 12.54 14.51 -8.82
CA LYS A 310 12.55 14.50 -8.83
C LYS A 310 13.64 14.71 -7.79
C LYS A 310 13.66 14.69 -7.80
N ALA A 311 13.51 14.08 -6.62
CA ALA A 311 14.47 14.32 -5.55
C ALA A 311 15.82 13.69 -5.84
N LEU A 312 15.84 12.45 -6.32
CA LEU A 312 17.09 11.70 -6.46
C LEU A 312 17.94 12.17 -7.62
N THR A 313 17.34 12.87 -8.58
N THR A 313 17.34 12.87 -8.58
CA THR A 313 18.08 13.34 -9.73
CA THR A 313 18.08 13.40 -9.72
C THR A 313 19.03 14.45 -9.28
C THR A 313 19.10 14.42 -9.23
#